data_7LNX
#
_entry.id   7LNX
#
_cell.length_a   40.565
_cell.length_b   73.277
_cell.length_c   166.930
_cell.angle_alpha   90.000
_cell.angle_beta   90.000
_cell.angle_gamma   90.000
#
_symmetry.space_group_name_H-M   'P 21 21 21'
#
loop_
_entity.id
_entity.type
_entity.pdbx_description
1 polymer 'Isopentenyl phosphate kinase'
2 non-polymer "ADENOSINE-5'-DIPHOSPHATE"
3 non-polymer '(2Z)-3-methylhept-2-en-1-yl trihydrogen diphosphate'
4 non-polymer GLYCEROL
5 non-polymer '(2E)-3-methylhept-2-en-1-yl dihydrogen phosphate'
6 water water
#
_entity_poly.entity_id   1
_entity_poly.type   'polypeptide(L)'
_entity_poly.pdbx_seq_one_letter_code
;MGSSHHHHHHSSGLVPRGSHMILIKLGGSVITDKSEYHKFNKETVSRLADEIRRSGQDVMVVHGAGSFGHVIAKKYAIQD
GHVDDGQIPAAARIMCDTRELSSMVVEELLAQGIPAVSVAPGSCFVMEDGKLIVDNEEPIRRLADLGIMPVMFGDVVPDR
KKGFAAVSGDQCMEVLCRMFDPEKVVFVSDIDGLYTADPKTDKKARLIGEVTRKKLDEALTDITVADVTGGVHSKMEAML
RMTDRNRRCYLVNGNAPNRLYSLLKGETVTCTVAKGGME
;
_entity_poly.pdbx_strand_id   A,B
#
loop_
_chem_comp.id
_chem_comp.type
_chem_comp.name
_chem_comp.formula
ADP non-polymer ADENOSINE-5'-DIPHOSPHATE 'C10 H15 N5 O10 P2'
GOL non-polymer GLYCEROL 'C3 H8 O3'
WOG non-polymer '(2E)-3-methylhept-2-en-1-yl dihydrogen phosphate' 'C8 H17 O4 P'
Y7D non-polymer '(2Z)-3-methylhept-2-en-1-yl trihydrogen diphosphate' 'C8 H18 O7 P2'
#
# COMPACT_ATOMS: atom_id res chain seq x y z
N MET A 21 13.67 3.64 -21.57
CA MET A 21 12.91 2.91 -20.55
C MET A 21 12.00 1.88 -21.20
N ILE A 22 11.83 0.75 -20.53
CA ILE A 22 11.02 -0.36 -21.04
C ILE A 22 9.94 -0.66 -20.00
N LEU A 23 8.68 -0.51 -20.41
CA LEU A 23 7.54 -0.80 -19.54
C LEU A 23 7.16 -2.27 -19.69
N ILE A 24 7.16 -3.00 -18.59
CA ILE A 24 6.90 -4.44 -18.58
C ILE A 24 5.72 -4.73 -17.67
N LYS A 25 4.88 -5.68 -18.08
CA LYS A 25 3.78 -6.19 -17.26
C LYS A 25 4.02 -7.66 -17.00
N LEU A 26 4.26 -8.01 -15.73
CA LEU A 26 4.32 -9.40 -15.32
C LEU A 26 2.89 -9.87 -15.10
N GLY A 27 2.28 -10.39 -16.17
CA GLY A 27 0.88 -10.77 -16.10
C GLY A 27 0.61 -11.83 -15.04
N GLY A 28 -0.63 -11.84 -14.57
CA GLY A 28 -1.06 -12.77 -13.55
C GLY A 28 -1.01 -14.23 -13.97
N SER A 29 -0.87 -14.51 -15.26
CA SER A 29 -0.84 -15.87 -15.75
C SER A 29 0.49 -16.57 -15.48
N VAL A 30 1.56 -15.83 -15.26
CA VAL A 30 2.86 -16.40 -14.97
C VAL A 30 3.26 -16.19 -13.51
N ILE A 31 2.90 -15.05 -12.92
CA ILE A 31 3.27 -14.79 -11.54
C ILE A 31 2.36 -15.49 -10.55
N THR A 32 1.14 -15.84 -10.96
CA THR A 32 0.21 -16.58 -10.11
C THR A 32 -0.36 -17.76 -10.88
N ASP A 33 -0.95 -18.69 -10.13
CA ASP A 33 -1.72 -19.80 -10.71
C ASP A 33 -3.17 -19.33 -10.80
N LYS A 34 -3.59 -18.90 -11.99
CA LYS A 34 -4.91 -18.33 -12.17
C LYS A 34 -6.05 -19.30 -11.82
N SER A 35 -5.76 -20.58 -11.64
CA SER A 35 -6.77 -21.56 -11.27
C SER A 35 -6.73 -21.93 -9.79
N GLU A 36 -5.68 -21.54 -9.07
CA GLU A 36 -5.54 -21.82 -7.65
C GLU A 36 -5.47 -20.51 -6.89
N TYR A 37 -6.44 -20.29 -6.01
CA TYR A 37 -6.56 -19.01 -5.32
C TYR A 37 -5.36 -18.76 -4.41
N HIS A 38 -4.87 -17.52 -4.44
CA HIS A 38 -3.80 -17.05 -3.55
C HIS A 38 -2.51 -17.86 -3.74
N LYS A 39 -2.24 -18.31 -4.96
CA LYS A 39 -1.05 -19.08 -5.28
C LYS A 39 -0.05 -18.19 -5.99
N PHE A 40 1.15 -18.10 -5.44
CA PHE A 40 2.22 -17.26 -5.99
C PHE A 40 3.31 -18.16 -6.57
N ASN A 41 3.66 -17.92 -7.83
CA ASN A 41 4.72 -18.66 -8.51
C ASN A 41 6.05 -18.00 -8.18
N LYS A 42 6.63 -18.39 -7.04
CA LYS A 42 7.86 -17.75 -6.57
C LYS A 42 9.02 -18.01 -7.51
N GLU A 43 9.17 -19.24 -8.00
CA GLU A 43 10.29 -19.58 -8.87
C GLU A 43 10.20 -18.85 -10.21
N THR A 44 8.98 -18.58 -10.69
CA THR A 44 8.84 -17.88 -11.96
C THR A 44 9.21 -16.41 -11.82
N VAL A 45 8.69 -15.74 -10.77
CA VAL A 45 8.99 -14.33 -10.57
C VAL A 45 10.46 -14.15 -10.22
N SER A 46 11.04 -15.09 -9.46
CA SER A 46 12.46 -15.01 -9.14
C SER A 46 13.31 -15.09 -10.40
N ARG A 47 12.93 -15.96 -11.34
CA ARG A 47 13.68 -16.06 -12.58
C ARG A 47 13.44 -14.84 -13.48
N LEU A 48 12.20 -14.37 -13.54
CA LEU A 48 11.90 -13.19 -14.37
C LEU A 48 12.58 -11.95 -13.84
N ALA A 49 12.66 -11.81 -12.50
CA ALA A 49 13.38 -10.69 -11.92
C ALA A 49 14.88 -10.80 -12.18
N ASP A 50 15.40 -12.03 -12.22
CA ASP A 50 16.81 -12.21 -12.55
C ASP A 50 17.09 -11.90 -14.01
N GLU A 51 16.16 -12.24 -14.90
CA GLU A 51 16.33 -11.91 -16.31
C GLU A 51 16.24 -10.40 -16.54
N ILE A 52 15.41 -9.71 -15.76
CA ILE A 52 15.35 -8.26 -15.87
C ILE A 52 16.66 -7.63 -15.40
N ARG A 53 17.24 -8.16 -14.31
CA ARG A 53 18.50 -7.64 -13.82
C ARG A 53 19.64 -7.93 -14.79
N ARG A 54 19.69 -9.14 -15.34
CA ARG A 54 20.76 -9.50 -16.27
C ARG A 54 20.68 -8.73 -17.57
N SER A 55 19.50 -8.23 -17.95
CA SER A 55 19.39 -7.45 -19.17
C SER A 55 20.02 -6.07 -19.01
N GLY A 56 20.07 -5.55 -17.79
CA GLY A 56 20.71 -4.27 -17.55
C GLY A 56 20.00 -3.07 -18.13
N GLN A 57 18.71 -3.19 -18.43
CA GLN A 57 17.95 -2.12 -19.02
C GLN A 57 17.13 -1.38 -17.95
N ASP A 58 16.92 -0.09 -18.18
CA ASP A 58 16.06 0.70 -17.31
C ASP A 58 14.61 0.32 -17.56
N VAL A 59 13.95 -0.24 -16.55
CA VAL A 59 12.63 -0.81 -16.71
C VAL A 59 11.68 -0.24 -15.66
N MET A 60 10.38 -0.41 -15.92
CA MET A 60 9.32 -0.10 -14.97
C MET A 60 8.34 -1.28 -15.00
N VAL A 61 8.26 -2.00 -13.87
CA VAL A 61 7.56 -3.28 -13.83
C VAL A 61 6.14 -3.07 -13.33
N VAL A 62 5.17 -3.56 -14.10
CA VAL A 62 3.79 -3.69 -13.68
C VAL A 62 3.48 -5.17 -13.57
N HIS A 63 2.47 -5.51 -12.77
CA HIS A 63 2.06 -6.90 -12.66
C HIS A 63 0.55 -6.96 -12.48
N GLY A 64 -0.02 -8.12 -12.83
CA GLY A 64 -1.45 -8.34 -12.69
C GLY A 64 -1.81 -8.96 -11.36
N ALA A 65 -3.11 -9.20 -11.19
CA ALA A 65 -3.61 -9.80 -9.96
C ALA A 65 -3.69 -11.32 -10.04
N GLY A 66 -4.14 -11.85 -11.18
CA GLY A 66 -4.23 -13.30 -11.31
C GLY A 66 -5.29 -13.85 -10.38
N SER A 67 -4.94 -14.95 -9.69
CA SER A 67 -5.85 -15.54 -8.72
C SER A 67 -5.93 -14.75 -7.42
N PHE A 68 -5.09 -13.73 -7.25
CA PHE A 68 -5.16 -12.85 -6.09
C PHE A 68 -6.23 -11.77 -6.24
N GLY A 69 -7.12 -11.90 -7.22
CA GLY A 69 -8.16 -10.91 -7.42
C GLY A 69 -9.31 -11.43 -8.27
N HIS A 70 -8.99 -12.21 -9.30
CA HIS A 70 -10.02 -12.66 -10.24
C HIS A 70 -10.94 -13.70 -9.62
N VAL A 71 -10.43 -14.53 -8.71
CA VAL A 71 -11.23 -15.61 -8.14
C VAL A 71 -12.35 -15.05 -7.27
N ILE A 72 -12.02 -14.09 -6.41
CA ILE A 72 -13.02 -13.53 -5.50
C ILE A 72 -13.92 -12.53 -6.21
N ALA A 73 -13.39 -11.79 -7.19
CA ALA A 73 -14.20 -10.82 -7.90
C ALA A 73 -15.32 -11.48 -8.69
N LYS A 74 -15.06 -12.66 -9.25
CA LYS A 74 -16.09 -13.37 -10.00
C LYS A 74 -17.16 -13.92 -9.06
N LYS A 75 -16.75 -14.39 -7.87
CA LYS A 75 -17.69 -14.96 -6.93
C LYS A 75 -18.64 -13.90 -6.38
N TYR A 76 -18.20 -12.65 -6.28
CA TYR A 76 -19.01 -11.58 -5.73
C TYR A 76 -19.39 -10.53 -6.76
N ALA A 77 -19.12 -10.78 -8.04
CA ALA A 77 -19.50 -9.87 -9.14
C ALA A 77 -18.96 -8.46 -8.92
N ILE A 78 -17.66 -8.38 -8.58
CA ILE A 78 -17.04 -7.09 -8.34
C ILE A 78 -16.97 -6.27 -9.63
N GLN A 79 -16.89 -6.93 -10.77
CA GLN A 79 -16.84 -6.22 -12.05
C GLN A 79 -18.11 -5.44 -12.33
N ASP A 80 -19.19 -5.72 -11.61
CA ASP A 80 -20.45 -5.01 -11.79
C ASP A 80 -20.57 -3.77 -10.91
N GLY A 81 -19.57 -3.49 -10.09
CA GLY A 81 -19.61 -2.34 -9.21
C GLY A 81 -20.23 -2.65 -7.87
N HIS A 82 -20.65 -1.59 -7.18
CA HIS A 82 -21.26 -1.70 -5.86
C HIS A 82 -22.74 -2.00 -6.02
N VAL A 83 -23.06 -3.29 -6.13
CA VAL A 83 -24.45 -3.70 -6.29
C VAL A 83 -25.16 -3.77 -4.95
N ASP A 84 -24.57 -4.48 -3.99
CA ASP A 84 -25.13 -4.61 -2.66
C ASP A 84 -24.03 -4.50 -1.63
N ASP A 85 -24.42 -4.47 -0.35
CA ASP A 85 -23.47 -4.32 0.73
C ASP A 85 -22.63 -5.58 0.97
N GLY A 86 -23.02 -6.72 0.40
CA GLY A 86 -22.24 -7.93 0.59
C GLY A 86 -20.90 -7.93 -0.14
N GLN A 87 -20.71 -7.01 -1.08
CA GLN A 87 -19.47 -6.92 -1.82
C GLN A 87 -18.39 -6.12 -1.10
N ILE A 88 -18.77 -5.37 -0.06
CA ILE A 88 -17.78 -4.54 0.64
C ILE A 88 -16.70 -5.37 1.33
N PRO A 89 -17.02 -6.40 2.12
CA PRO A 89 -15.94 -7.23 2.69
C PRO A 89 -15.16 -7.99 1.64
N ALA A 90 -15.80 -8.34 0.52
CA ALA A 90 -15.07 -9.04 -0.55
C ALA A 90 -14.11 -8.10 -1.28
N ALA A 91 -14.52 -6.84 -1.48
CA ALA A 91 -13.64 -5.88 -2.13
C ALA A 91 -12.41 -5.60 -1.28
N ALA A 92 -12.58 -5.47 0.04
CA ALA A 92 -11.42 -5.31 0.92
C ALA A 92 -10.56 -6.56 0.93
N ARG A 93 -11.17 -7.74 0.79
CA ARG A 93 -10.40 -8.97 0.73
C ARG A 93 -9.55 -9.02 -0.53
N ILE A 94 -10.11 -8.60 -1.67
CA ILE A 94 -9.33 -8.54 -2.90
C ILE A 94 -8.23 -7.49 -2.78
N MET A 95 -8.55 -6.35 -2.17
CA MET A 95 -7.54 -5.30 -2.00
C MET A 95 -6.37 -5.79 -1.15
N CYS A 96 -6.65 -6.54 -0.09
CA CYS A 96 -5.59 -7.09 0.73
C CYS A 96 -4.80 -8.17 0.01
N ASP A 97 -5.47 -8.96 -0.85
CA ASP A 97 -4.78 -10.00 -1.59
C ASP A 97 -3.85 -9.40 -2.64
N THR A 98 -4.31 -8.37 -3.36
CA THR A 98 -3.47 -7.75 -4.40
C THR A 98 -2.27 -7.06 -3.78
N ARG A 99 -2.46 -6.37 -2.64
CA ARG A 99 -1.34 -5.73 -1.98
C ARG A 99 -0.35 -6.77 -1.44
N GLU A 100 -0.87 -7.91 -0.96
CA GLU A 100 0.01 -8.98 -0.51
C GLU A 100 0.80 -9.57 -1.67
N LEU A 101 0.16 -9.75 -2.82
CA LEU A 101 0.86 -10.28 -3.99
C LEU A 101 1.94 -9.33 -4.47
N SER A 102 1.66 -8.02 -4.45
CA SER A 102 2.66 -7.03 -4.86
C SER A 102 3.88 -7.08 -3.95
N SER A 103 3.68 -7.36 -2.66
CA SER A 103 4.82 -7.47 -1.74
C SER A 103 5.73 -8.62 -2.14
N MET A 104 5.15 -9.75 -2.57
CA MET A 104 5.96 -10.90 -2.99
C MET A 104 6.72 -10.59 -4.26
N VAL A 105 6.08 -9.87 -5.20
CA VAL A 105 6.77 -9.48 -6.43
C VAL A 105 7.89 -8.50 -6.13
N VAL A 106 7.62 -7.52 -5.25
CA VAL A 106 8.65 -6.54 -4.89
C VAL A 106 9.81 -7.22 -4.17
N GLU A 107 9.51 -8.22 -3.33
CA GLU A 107 10.57 -8.94 -2.63
C GLU A 107 11.52 -9.61 -3.62
N GLU A 108 10.99 -10.14 -4.72
CA GLU A 108 11.86 -10.74 -5.74
C GLU A 108 12.68 -9.69 -6.45
N LEU A 109 12.14 -8.49 -6.65
CA LEU A 109 12.89 -7.42 -7.28
C LEU A 109 13.98 -6.90 -6.34
N LEU A 110 13.67 -6.76 -5.04
CA LEU A 110 14.66 -6.29 -4.09
C LEU A 110 15.81 -7.28 -3.94
N ALA A 111 15.53 -8.58 -4.04
CA ALA A 111 16.57 -9.58 -3.93
C ALA A 111 17.51 -9.57 -5.13
N GLN A 112 17.09 -8.98 -6.26
CA GLN A 112 17.93 -8.87 -7.44
C GLN A 112 18.54 -7.48 -7.60
N GLY A 113 18.59 -6.71 -6.52
CA GLY A 113 19.17 -5.38 -6.57
C GLY A 113 18.35 -4.37 -7.34
N ILE A 114 17.04 -4.55 -7.39
CA ILE A 114 16.15 -3.63 -8.10
C ILE A 114 15.22 -2.95 -7.10
N PRO A 115 15.58 -1.77 -6.60
CA PRO A 115 14.69 -1.06 -5.68
C PRO A 115 13.33 -0.78 -6.32
N ALA A 116 12.27 -1.14 -5.60
CA ALA A 116 10.91 -0.91 -6.08
C ALA A 116 9.98 -0.83 -4.89
N VAL A 117 8.79 -0.29 -5.13
CA VAL A 117 7.77 -0.15 -4.09
C VAL A 117 6.40 -0.35 -4.72
N SER A 118 5.51 -0.99 -3.97
CA SER A 118 4.15 -1.24 -4.44
C SER A 118 3.33 0.03 -4.39
N VAL A 119 2.65 0.34 -5.50
CA VAL A 119 1.79 1.51 -5.60
C VAL A 119 0.40 0.99 -5.97
N ALA A 120 -0.43 0.79 -4.96
CA ALA A 120 -1.77 0.25 -5.18
C ALA A 120 -2.68 1.32 -5.78
N PRO A 121 -3.27 1.09 -6.96
CA PRO A 121 -4.15 2.11 -7.54
C PRO A 121 -5.40 2.37 -6.70
N GLY A 122 -5.90 1.36 -5.98
CA GLY A 122 -7.06 1.55 -5.14
C GLY A 122 -6.81 2.39 -3.91
N SER A 123 -5.55 2.68 -3.60
CA SER A 123 -5.20 3.49 -2.42
C SER A 123 -4.76 4.89 -2.78
N CYS A 124 -4.70 5.24 -4.07
CA CYS A 124 -4.25 6.57 -4.47
C CYS A 124 -4.99 7.17 -5.65
N PHE A 125 -5.68 6.38 -6.47
CA PHE A 125 -6.38 6.89 -7.63
C PHE A 125 -7.86 6.54 -7.54
N VAL A 126 -8.63 7.05 -8.50
CA VAL A 126 -10.06 6.78 -8.60
C VAL A 126 -10.35 6.29 -10.02
N MET A 127 -11.61 5.90 -10.23
CA MET A 127 -12.03 5.38 -11.52
C MET A 127 -13.37 6.00 -11.90
N GLU A 128 -13.58 6.16 -13.21
CA GLU A 128 -14.80 6.73 -13.74
C GLU A 128 -14.90 6.38 -15.21
N ASP A 129 -16.07 5.87 -15.63
CA ASP A 129 -16.31 5.48 -17.01
C ASP A 129 -15.31 4.42 -17.48
N GLY A 130 -14.83 3.60 -16.56
CA GLY A 130 -13.90 2.53 -16.91
C GLY A 130 -12.47 2.98 -17.13
N LYS A 131 -12.07 4.11 -16.57
CA LYS A 131 -10.72 4.62 -16.73
C LYS A 131 -10.14 4.99 -15.37
N LEU A 132 -8.84 4.74 -15.20
CA LEU A 132 -8.13 5.09 -13.98
C LEU A 132 -7.65 6.53 -14.06
N ILE A 133 -8.16 7.37 -13.16
CA ILE A 133 -7.85 8.80 -13.16
C ILE A 133 -6.66 9.05 -12.24
N VAL A 134 -5.62 9.66 -12.78
CA VAL A 134 -4.44 10.03 -11.99
C VAL A 134 -4.41 11.56 -11.88
N ASP A 135 -5.05 12.10 -10.85
CA ASP A 135 -5.10 13.54 -10.68
C ASP A 135 -3.80 14.12 -10.15
N ASN A 136 -3.04 13.33 -9.38
CA ASN A 136 -1.77 13.76 -8.81
C ASN A 136 -0.69 12.78 -9.24
N GLU A 137 0.19 13.22 -10.14
CA GLU A 137 1.27 12.39 -10.65
C GLU A 137 2.61 12.69 -9.98
N GLU A 138 2.62 13.57 -8.96
CA GLU A 138 3.90 13.94 -8.35
C GLU A 138 4.54 12.80 -7.58
N PRO A 139 3.87 12.14 -6.62
CA PRO A 139 4.59 11.12 -5.83
C PRO A 139 5.08 9.95 -6.65
N ILE A 140 4.36 9.58 -7.71
CA ILE A 140 4.81 8.49 -8.58
C ILE A 140 6.08 8.91 -9.32
N ARG A 141 6.10 10.14 -9.84
CA ARG A 141 7.29 10.62 -10.53
C ARG A 141 8.45 10.84 -9.58
N ARG A 142 8.17 11.27 -8.35
CA ARG A 142 9.23 11.43 -7.35
C ARG A 142 9.80 10.08 -6.93
N LEU A 143 8.98 9.03 -6.93
CA LEU A 143 9.49 7.70 -6.63
C LEU A 143 10.44 7.21 -7.71
N ALA A 144 10.07 7.43 -8.99
CA ALA A 144 10.94 7.03 -10.09
C ALA A 144 12.22 7.86 -10.11
N ASP A 145 12.16 9.11 -9.64
CA ASP A 145 13.36 9.93 -9.60
C ASP A 145 14.36 9.44 -8.56
N LEU A 146 13.87 8.84 -7.46
CA LEU A 146 14.73 8.30 -6.43
C LEU A 146 15.33 6.95 -6.79
N GLY A 147 14.97 6.39 -7.94
CA GLY A 147 15.39 5.05 -8.30
C GLY A 147 14.57 3.94 -7.67
N ILE A 148 13.51 4.27 -6.94
CA ILE A 148 12.61 3.29 -6.34
C ILE A 148 11.43 3.14 -7.29
N MET A 149 11.43 2.06 -8.06
CA MET A 149 10.47 1.87 -9.14
C MET A 149 9.05 1.75 -8.59
N PRO A 150 8.14 2.64 -8.96
CA PRO A 150 6.73 2.49 -8.55
C PRO A 150 6.08 1.33 -9.30
N VAL A 151 5.51 0.40 -8.56
CA VAL A 151 4.94 -0.82 -9.11
C VAL A 151 3.43 -0.77 -8.90
N MET A 152 2.71 -0.37 -9.94
CA MET A 152 1.25 -0.45 -9.93
C MET A 152 0.81 -1.86 -10.33
N PHE A 153 -0.46 -2.16 -10.10
CA PHE A 153 -0.96 -3.50 -10.38
C PHE A 153 -2.48 -3.47 -10.45
N GLY A 154 -3.06 -4.57 -10.92
CA GLY A 154 -4.51 -4.69 -10.97
C GLY A 154 -5.10 -4.73 -9.58
N ASP A 155 -6.17 -3.96 -9.38
CA ASP A 155 -6.71 -3.75 -8.05
C ASP A 155 -8.15 -3.25 -8.19
N VAL A 156 -8.86 -3.25 -7.07
CA VAL A 156 -10.18 -2.63 -6.99
C VAL A 156 -10.01 -1.17 -6.63
N VAL A 157 -10.60 -0.29 -7.43
CA VAL A 157 -10.41 1.16 -7.27
C VAL A 157 -11.77 1.80 -6.96
N PRO A 158 -11.83 2.76 -6.05
CA PRO A 158 -13.10 3.48 -5.82
C PRO A 158 -13.57 4.16 -7.10
N ASP A 159 -14.83 3.92 -7.45
CA ASP A 159 -15.44 4.47 -8.66
C ASP A 159 -16.28 5.68 -8.31
N ARG A 160 -16.27 6.68 -9.19
CA ARG A 160 -17.04 7.90 -8.97
C ARG A 160 -18.52 7.74 -9.29
N LYS A 161 -18.92 6.62 -9.88
CA LYS A 161 -20.32 6.43 -10.26
C LYS A 161 -20.83 5.06 -9.82
N LYS A 162 -19.94 4.07 -9.76
CA LYS A 162 -20.31 2.71 -9.40
C LYS A 162 -19.78 2.28 -8.04
N GLY A 163 -19.47 3.24 -7.17
CA GLY A 163 -18.92 2.91 -5.86
C GLY A 163 -17.47 2.48 -5.95
N PHE A 164 -17.24 1.28 -6.49
CA PHE A 164 -15.88 0.80 -6.74
C PHE A 164 -15.85 0.06 -8.06
N ALA A 165 -14.67 0.04 -8.68
CA ALA A 165 -14.47 -0.64 -9.94
C ALA A 165 -13.08 -1.26 -9.96
N ALA A 166 -12.93 -2.31 -10.76
CA ALA A 166 -11.67 -3.04 -10.85
C ALA A 166 -10.86 -2.52 -12.04
N VAL A 167 -9.59 -2.23 -11.79
CA VAL A 167 -8.66 -1.84 -12.84
C VAL A 167 -7.73 -3.02 -13.11
N SER A 168 -7.33 -3.16 -14.37
CA SER A 168 -6.45 -4.25 -14.78
C SER A 168 -5.04 -3.74 -14.96
N GLY A 169 -4.10 -4.69 -15.04
CA GLY A 169 -2.72 -4.34 -15.32
C GLY A 169 -2.52 -3.75 -16.70
N ASP A 170 -3.44 -4.02 -17.63
CA ASP A 170 -3.33 -3.47 -18.98
C ASP A 170 -3.52 -1.96 -18.97
N GLN A 171 -4.52 -1.47 -18.24
CA GLN A 171 -4.73 -0.02 -18.16
C GLN A 171 -3.60 0.65 -17.39
N CYS A 172 -3.08 -0.01 -16.35
CA CYS A 172 -1.91 0.51 -15.65
C CYS A 172 -0.74 0.71 -16.59
N MET A 173 -0.63 -0.14 -17.62
CA MET A 173 0.36 0.08 -18.67
C MET A 173 0.02 1.36 -19.45
N GLU A 174 -1.25 1.52 -19.83
CA GLU A 174 -1.64 2.68 -20.64
C GLU A 174 -1.43 3.98 -19.87
N VAL A 175 -1.70 3.98 -18.57
CA VAL A 175 -1.50 5.18 -17.77
C VAL A 175 -0.01 5.49 -17.66
N LEU A 176 0.81 4.48 -17.36
CA LEU A 176 2.24 4.69 -17.21
C LEU A 176 2.93 4.91 -18.56
N CYS A 177 2.30 4.51 -19.66
CA CYS A 177 2.90 4.76 -20.97
C CYS A 177 2.79 6.22 -21.36
N ARG A 178 1.65 6.85 -21.07
CA ARG A 178 1.47 8.27 -21.38
C ARG A 178 2.20 9.18 -20.41
N MET A 179 2.55 8.68 -19.23
CA MET A 179 3.19 9.51 -18.20
C MET A 179 4.71 9.56 -18.36
N PHE A 180 5.34 8.42 -18.65
CA PHE A 180 6.79 8.33 -18.70
C PHE A 180 7.35 8.14 -20.10
N ASP A 181 6.50 7.85 -21.08
CA ASP A 181 6.89 7.69 -22.48
C ASP A 181 8.03 6.69 -22.62
N PRO A 182 7.77 5.40 -22.46
CA PRO A 182 8.84 4.41 -22.56
C PRO A 182 9.26 4.16 -24.01
N GLU A 183 10.49 3.68 -24.15
CA GLU A 183 11.00 3.34 -25.47
C GLU A 183 10.43 2.02 -25.99
N LYS A 184 10.08 1.11 -25.09
CA LYS A 184 9.55 -0.19 -25.47
C LYS A 184 8.53 -0.63 -24.44
N VAL A 185 7.53 -1.37 -24.91
CA VAL A 185 6.48 -1.93 -24.05
C VAL A 185 6.49 -3.44 -24.21
N VAL A 186 6.49 -4.15 -23.09
CA VAL A 186 6.57 -5.61 -23.07
C VAL A 186 5.44 -6.15 -22.22
N PHE A 187 4.70 -7.12 -22.76
CA PHE A 187 3.65 -7.81 -22.04
C PHE A 187 4.09 -9.26 -21.83
N VAL A 188 4.22 -9.66 -20.57
CA VAL A 188 4.67 -10.99 -20.21
C VAL A 188 3.46 -11.83 -19.79
N SER A 189 3.25 -12.94 -20.48
CA SER A 189 2.13 -13.83 -20.23
C SER A 189 2.61 -15.27 -20.33
N ASP A 190 1.68 -16.22 -20.16
CA ASP A 190 1.97 -17.63 -20.25
C ASP A 190 1.77 -18.20 -21.64
N ILE A 191 1.83 -17.36 -22.67
CA ILE A 191 1.63 -17.77 -24.05
C ILE A 191 2.75 -17.19 -24.90
N ASP A 192 3.12 -17.94 -25.95
CA ASP A 192 4.18 -17.49 -26.84
C ASP A 192 3.81 -16.21 -27.58
N GLY A 193 2.52 -15.92 -27.71
CA GLY A 193 2.09 -14.71 -28.38
C GLY A 193 0.58 -14.71 -28.56
N LEU A 194 0.13 -13.90 -29.51
CA LEU A 194 -1.28 -13.81 -29.85
C LEU A 194 -1.62 -14.82 -30.93
N TYR A 195 -2.68 -15.60 -30.72
CA TYR A 195 -3.14 -16.58 -31.68
C TYR A 195 -4.48 -16.13 -32.27
N THR A 196 -4.93 -16.87 -33.29
CA THR A 196 -6.23 -16.59 -33.88
C THR A 196 -7.38 -17.02 -32.97
N ALA A 197 -7.09 -17.84 -31.97
CA ALA A 197 -8.08 -18.27 -31.00
C ALA A 197 -7.34 -18.67 -29.73
N ASP A 198 -8.07 -19.24 -28.77
CA ASP A 198 -7.45 -19.68 -27.52
C ASP A 198 -6.55 -20.88 -27.81
N PRO A 199 -5.24 -20.77 -27.59
CA PRO A 199 -4.34 -21.90 -27.89
C PRO A 199 -4.50 -23.08 -26.93
N LYS A 200 -5.14 -22.88 -25.78
CA LYS A 200 -5.31 -23.98 -24.83
C LYS A 200 -6.53 -24.83 -25.18
N THR A 201 -7.58 -24.23 -25.73
CA THR A 201 -8.75 -24.96 -26.19
C THR A 201 -8.70 -25.27 -27.68
N ASP A 202 -8.27 -24.32 -28.50
CA ASP A 202 -8.10 -24.53 -29.93
C ASP A 202 -6.62 -24.76 -30.20
N LYS A 203 -6.27 -26.00 -30.55
CA LYS A 203 -4.89 -26.37 -30.84
C LYS A 203 -4.57 -26.27 -32.33
N LYS A 204 -5.39 -25.56 -33.09
CA LYS A 204 -5.13 -25.30 -34.51
C LYS A 204 -4.75 -23.87 -34.80
N ALA A 205 -4.91 -22.97 -33.84
CA ALA A 205 -4.61 -21.56 -34.04
C ALA A 205 -3.11 -21.36 -34.26
N ARG A 206 -2.77 -20.43 -35.15
CA ARG A 206 -1.39 -20.12 -35.48
C ARG A 206 -0.93 -18.91 -34.67
N LEU A 207 0.40 -18.81 -34.52
CA LEU A 207 1.00 -17.67 -33.82
C LEU A 207 1.05 -16.48 -34.78
N ILE A 208 0.35 -15.40 -34.42
CA ILE A 208 0.33 -14.20 -35.24
C ILE A 208 1.61 -13.43 -35.00
N GLY A 209 2.36 -13.17 -36.07
CA GLY A 209 3.62 -12.46 -35.96
C GLY A 209 3.46 -10.98 -35.66
N GLU A 210 3.02 -10.22 -36.64
CA GLU A 210 2.85 -8.78 -36.50
C GLU A 210 1.42 -8.44 -36.10
N VAL A 211 1.23 -7.20 -35.64
CA VAL A 211 -0.08 -6.68 -35.27
C VAL A 211 -0.22 -5.28 -35.85
N THR A 212 -1.17 -5.11 -36.77
CA THR A 212 -1.46 -3.80 -37.35
C THR A 212 -2.93 -3.75 -37.73
N ARG A 213 -3.48 -4.89 -38.14
CA ARG A 213 -4.90 -5.01 -38.46
C ARG A 213 -5.75 -4.77 -37.22
N GLU A 237 -6.88 -6.52 -29.43
CA GLU A 237 -6.39 -6.17 -28.10
C GLU A 237 -6.15 -4.66 -27.98
N ALA A 238 -5.36 -4.27 -26.98
CA ALA A 238 -5.06 -2.87 -26.73
C ALA A 238 -3.58 -2.54 -26.95
N MET A 239 -2.84 -3.43 -27.61
CA MET A 239 -1.43 -3.19 -27.88
C MET A 239 -1.19 -2.12 -28.93
N LEU A 240 -2.24 -1.73 -29.67
CA LEU A 240 -2.10 -0.70 -30.70
C LEU A 240 -2.28 0.72 -30.16
N ARG A 241 -2.83 0.87 -28.96
CA ARG A 241 -3.03 2.18 -28.36
C ARG A 241 -1.82 2.71 -27.63
N MET A 242 -0.76 1.91 -27.50
CA MET A 242 0.47 2.32 -26.81
C MET A 242 1.68 2.28 -27.71
N THR A 243 1.49 2.34 -29.02
CA THR A 243 2.58 2.31 -29.98
C THR A 243 2.48 3.51 -30.91
N ASP A 244 3.64 3.93 -31.44
CA ASP A 244 3.69 5.05 -32.36
C ASP A 244 4.68 4.79 -33.49
N ARG A 245 5.48 5.80 -33.83
CA ARG A 245 6.40 5.67 -34.96
C ARG A 245 7.52 4.68 -34.65
N ASN A 246 8.12 4.79 -33.46
CA ASN A 246 9.23 3.92 -33.08
C ASN A 246 8.88 2.94 -31.97
N ARG A 247 7.91 3.26 -31.11
CA ARG A 247 7.57 2.38 -30.01
C ARG A 247 6.91 1.11 -30.52
N ARG A 248 7.40 -0.04 -30.06
CA ARG A 248 6.89 -1.34 -30.47
C ARG A 248 6.49 -2.13 -29.24
N CYS A 249 5.27 -2.66 -29.24
CA CYS A 249 4.76 -3.46 -28.15
C CYS A 249 4.98 -4.93 -28.44
N TYR A 250 5.37 -5.68 -27.40
CA TYR A 250 5.70 -7.09 -27.53
C TYR A 250 4.88 -7.91 -26.54
N LEU A 251 4.58 -9.14 -26.95
CA LEU A 251 3.89 -10.11 -26.09
C LEU A 251 4.74 -11.38 -26.07
N VAL A 252 5.41 -11.62 -24.94
CA VAL A 252 6.38 -12.71 -24.83
C VAL A 252 5.90 -13.69 -23.76
N ASN A 253 6.40 -14.93 -23.85
CA ASN A 253 6.04 -15.99 -22.93
C ASN A 253 7.01 -15.96 -21.75
N GLY A 254 6.51 -15.55 -20.58
CA GLY A 254 7.33 -15.53 -19.39
C GLY A 254 7.69 -16.90 -18.86
N ASN A 255 6.97 -17.94 -19.27
CA ASN A 255 7.28 -19.30 -18.84
C ASN A 255 8.46 -19.89 -19.58
N ALA A 256 8.94 -19.25 -20.65
CA ALA A 256 10.13 -19.70 -21.35
C ALA A 256 11.36 -19.04 -20.75
N PRO A 257 12.32 -19.79 -20.22
CA PRO A 257 13.49 -19.17 -19.58
C PRO A 257 14.32 -18.40 -20.58
N ASN A 258 14.89 -17.28 -20.12
CA ASN A 258 15.78 -16.40 -20.87
C ASN A 258 15.12 -15.76 -22.08
N ARG A 259 13.81 -15.96 -22.28
CA ARG A 259 13.14 -15.32 -23.40
C ARG A 259 12.89 -13.84 -23.14
N LEU A 260 12.50 -13.49 -21.91
CA LEU A 260 12.37 -12.09 -21.55
C LEU A 260 13.72 -11.40 -21.50
N TYR A 261 14.77 -12.12 -21.11
CA TYR A 261 16.12 -11.54 -21.09
C TYR A 261 16.58 -11.16 -22.48
N SER A 262 16.42 -12.08 -23.44
CA SER A 262 16.85 -11.80 -24.80
C SER A 262 16.00 -10.73 -25.46
N LEU A 263 14.70 -10.68 -25.14
CA LEU A 263 13.83 -9.64 -25.70
C LEU A 263 14.23 -8.27 -25.17
N LEU A 264 14.62 -8.19 -23.90
CA LEU A 264 15.06 -6.92 -23.34
C LEU A 264 16.44 -6.51 -23.85
N LYS A 265 17.24 -7.45 -24.33
CA LYS A 265 18.58 -7.17 -24.84
C LYS A 265 18.60 -6.85 -26.32
N GLY A 266 17.46 -6.87 -27.00
CA GLY A 266 17.37 -6.54 -28.41
C GLY A 266 17.40 -7.74 -29.33
N GLU A 267 17.70 -8.93 -28.83
CA GLU A 267 17.75 -10.11 -29.68
C GLU A 267 16.34 -10.54 -30.07
N THR A 268 16.26 -11.35 -31.12
CA THR A 268 14.98 -11.82 -31.64
C THR A 268 14.53 -13.06 -30.88
N VAL A 269 13.24 -13.12 -30.55
CA VAL A 269 12.64 -14.23 -29.83
C VAL A 269 11.24 -14.46 -30.40
N THR A 270 10.66 -15.60 -30.01
CA THR A 270 9.28 -15.89 -30.38
C THR A 270 8.33 -15.01 -29.57
N CYS A 271 7.55 -14.18 -30.27
CA CYS A 271 6.67 -13.23 -29.60
C CYS A 271 5.69 -12.68 -30.64
N THR A 272 4.86 -11.75 -30.20
CA THR A 272 3.95 -11.01 -31.06
C THR A 272 4.31 -9.53 -30.98
N VAL A 273 4.63 -8.93 -32.12
CA VAL A 273 5.07 -7.54 -32.19
C VAL A 273 3.92 -6.70 -32.74
N ALA A 274 3.67 -5.56 -32.11
CA ALA A 274 2.62 -4.64 -32.51
C ALA A 274 3.22 -3.33 -33.01
N LYS A 275 2.66 -2.80 -34.09
CA LYS A 275 3.12 -1.55 -34.68
C LYS A 275 1.92 -0.79 -35.23
N GLY A 276 2.15 0.50 -35.52
CA GLY A 276 1.14 1.38 -36.06
C GLY A 276 1.08 2.67 -35.25
N GLY A 277 -0.06 3.34 -35.35
CA GLY A 277 -0.27 4.59 -34.65
C GLY A 277 -1.38 4.52 -33.62
N PRO B 16 -18.06 16.96 9.32
CA PRO B 16 -18.12 16.57 7.91
C PRO B 16 -18.99 15.33 7.69
N ARG B 17 -18.40 14.14 7.87
CA ARG B 17 -19.13 12.90 7.70
C ARG B 17 -18.95 11.99 8.91
N GLY B 18 -17.70 11.81 9.35
CA GLY B 18 -17.43 10.99 10.51
C GLY B 18 -17.73 11.71 11.82
N SER B 19 -19.01 11.92 12.10
CA SER B 19 -19.39 12.63 13.32
C SER B 19 -19.18 11.79 14.57
N HIS B 20 -19.30 10.48 14.45
CA HIS B 20 -19.13 9.56 15.57
C HIS B 20 -17.93 8.64 15.35
N MET B 21 -16.86 9.18 14.78
CA MET B 21 -15.67 8.41 14.49
C MET B 21 -14.67 8.50 15.63
N ILE B 22 -13.95 7.41 15.85
CA ILE B 22 -12.89 7.34 16.86
C ILE B 22 -11.58 7.00 16.15
N LEU B 23 -10.58 7.83 16.34
CA LEU B 23 -9.30 7.72 15.64
C LEU B 23 -8.30 7.02 16.56
N ILE B 24 -7.80 5.86 16.12
CA ILE B 24 -6.99 4.98 16.95
C ILE B 24 -5.64 4.77 16.29
N LYS B 25 -4.58 4.84 17.10
CA LYS B 25 -3.22 4.52 16.66
C LYS B 25 -2.76 3.25 17.36
N LEU B 26 -2.54 2.19 16.59
CA LEU B 26 -1.93 0.97 17.10
C LEU B 26 -0.42 1.12 16.96
N GLY B 27 0.20 1.66 18.01
CA GLY B 27 1.61 2.01 17.92
C GLY B 27 2.49 0.81 17.67
N GLY B 28 3.64 1.06 17.04
CA GLY B 28 4.58 0.00 16.72
C GLY B 28 5.20 -0.68 17.93
N SER B 29 5.15 -0.03 19.10
CA SER B 29 5.68 -0.66 20.30
C SER B 29 4.76 -1.75 20.84
N VAL B 30 3.50 -1.78 20.41
CA VAL B 30 2.56 -2.79 20.88
C VAL B 30 2.16 -3.77 19.78
N ILE B 31 2.22 -3.38 18.51
CA ILE B 31 1.88 -4.30 17.42
C ILE B 31 3.10 -5.03 16.88
N THR B 32 4.31 -4.51 17.12
CA THR B 32 5.54 -5.18 16.71
C THR B 32 6.45 -5.28 17.92
N ASP B 33 7.41 -6.20 17.83
CA ASP B 33 8.45 -6.35 18.84
C ASP B 33 9.69 -5.62 18.33
N LYS B 34 9.90 -4.40 18.82
CA LYS B 34 11.00 -3.57 18.34
C LYS B 34 12.36 -4.05 18.81
N SER B 35 12.44 -5.17 19.52
CA SER B 35 13.74 -5.73 19.89
C SER B 35 14.34 -6.59 18.78
N GLU B 36 13.50 -7.19 17.94
CA GLU B 36 13.96 -7.99 16.81
C GLU B 36 13.34 -7.46 15.53
N TYR B 37 14.17 -7.35 14.49
CA TYR B 37 13.73 -6.77 13.23
C TYR B 37 12.69 -7.66 12.55
N HIS B 38 11.64 -7.02 12.01
CA HIS B 38 10.62 -7.70 11.22
C HIS B 38 9.90 -8.78 12.05
N LYS B 39 9.40 -8.38 13.21
CA LYS B 39 8.66 -9.27 14.10
C LYS B 39 7.28 -8.70 14.37
N PHE B 40 6.26 -9.50 14.11
CA PHE B 40 4.86 -9.08 14.24
C PHE B 40 4.25 -9.74 15.46
N ASN B 41 3.64 -8.92 16.34
CA ASN B 41 2.94 -9.42 17.51
C ASN B 41 1.57 -9.91 17.07
N LYS B 42 1.41 -11.22 16.94
CA LYS B 42 0.17 -11.78 16.41
C LYS B 42 -0.97 -11.68 17.40
N GLU B 43 -0.72 -12.08 18.65
CA GLU B 43 -1.81 -12.14 19.64
C GLU B 43 -2.29 -10.75 20.03
N THR B 44 -1.40 -9.76 20.05
CA THR B 44 -1.81 -8.41 20.45
C THR B 44 -2.74 -7.78 19.43
N VAL B 45 -2.32 -7.77 18.16
CA VAL B 45 -3.15 -7.19 17.11
C VAL B 45 -4.45 -7.96 16.96
N SER B 46 -4.40 -9.28 17.14
CA SER B 46 -5.62 -10.08 17.12
C SER B 46 -6.53 -9.73 18.28
N ARG B 47 -5.96 -9.52 19.47
CA ARG B 47 -6.76 -9.13 20.62
C ARG B 47 -7.23 -7.68 20.48
N LEU B 48 -6.37 -6.79 19.98
CA LEU B 48 -6.76 -5.40 19.81
C LEU B 48 -7.86 -5.26 18.77
N ALA B 49 -7.77 -6.00 17.66
CA ALA B 49 -8.82 -5.96 16.65
C ALA B 49 -10.13 -6.53 17.20
N ASP B 50 -10.04 -7.60 17.99
CA ASP B 50 -11.23 -8.15 18.61
C ASP B 50 -11.84 -7.16 19.61
N GLU B 51 -10.99 -6.46 20.36
CA GLU B 51 -11.48 -5.43 21.27
C GLU B 51 -12.10 -4.27 20.50
N ILE B 52 -11.58 -3.95 19.32
CA ILE B 52 -12.16 -2.89 18.51
C ILE B 52 -13.53 -3.32 17.98
N ARG B 53 -13.66 -4.57 17.54
CA ARG B 53 -14.93 -5.04 17.01
C ARG B 53 -15.99 -5.12 18.11
N ARG B 54 -15.62 -5.64 19.29
CA ARG B 54 -16.58 -5.78 20.37
C ARG B 54 -17.10 -4.43 20.87
N SER B 55 -16.33 -3.35 20.68
CA SER B 55 -16.81 -2.04 21.06
C SER B 55 -17.91 -1.56 20.12
N GLY B 56 -17.88 -1.99 18.86
CA GLY B 56 -18.90 -1.62 17.90
C GLY B 56 -18.85 -0.18 17.42
N GLN B 57 -17.79 0.56 17.75
CA GLN B 57 -17.70 1.96 17.36
C GLN B 57 -17.14 2.09 15.94
N ASP B 58 -17.62 3.11 15.23
CA ASP B 58 -17.08 3.44 13.92
C ASP B 58 -15.69 4.05 14.10
N VAL B 59 -14.66 3.36 13.61
CA VAL B 59 -13.28 3.72 13.90
C VAL B 59 -12.47 3.71 12.60
N MET B 60 -11.36 4.44 12.63
CA MET B 60 -10.34 4.39 11.59
C MET B 60 -9.00 4.12 12.26
N VAL B 61 -8.31 3.07 11.80
CA VAL B 61 -7.12 2.56 12.47
C VAL B 61 -5.88 3.04 11.73
N VAL B 62 -4.92 3.58 12.48
CA VAL B 62 -3.58 3.88 12.01
C VAL B 62 -2.61 3.09 12.89
N HIS B 63 -1.51 2.65 12.30
CA HIS B 63 -0.50 1.91 13.05
C HIS B 63 0.88 2.45 12.72
N GLY B 64 1.83 2.13 13.60
CA GLY B 64 3.22 2.48 13.37
C GLY B 64 3.97 1.36 12.66
N ALA B 65 5.26 1.59 12.45
CA ALA B 65 6.16 0.61 11.86
C ALA B 65 6.89 -0.24 12.89
N GLY B 66 7.39 0.37 13.96
CA GLY B 66 8.10 -0.39 14.96
C GLY B 66 9.38 -0.96 14.39
N SER B 67 9.60 -2.27 14.62
CA SER B 67 10.78 -2.94 14.09
C SER B 67 10.72 -3.12 12.58
N PHE B 68 9.58 -2.85 11.95
CA PHE B 68 9.45 -2.95 10.50
C PHE B 68 9.93 -1.69 9.78
N GLY B 69 10.65 -0.80 10.47
CA GLY B 69 11.13 0.41 9.85
C GLY B 69 12.21 1.12 10.64
N HIS B 70 12.11 1.07 11.98
CA HIS B 70 13.04 1.81 12.82
C HIS B 70 14.44 1.20 12.79
N VAL B 71 14.53 -0.12 12.62
CA VAL B 71 15.84 -0.78 12.66
C VAL B 71 16.68 -0.39 11.45
N ILE B 72 16.09 -0.38 10.26
CA ILE B 72 16.85 -0.06 9.06
C ILE B 72 17.03 1.45 8.91
N ALA B 73 16.04 2.24 9.32
CA ALA B 73 16.16 3.69 9.21
C ALA B 73 17.28 4.23 10.09
N LYS B 74 17.50 3.61 11.25
CA LYS B 74 18.58 4.05 12.14
C LYS B 74 19.95 3.62 11.61
N LYS B 75 20.02 2.49 10.92
CA LYS B 75 21.31 2.01 10.43
C LYS B 75 21.77 2.76 9.19
N TYR B 76 20.83 3.17 8.33
CA TYR B 76 21.16 3.87 7.10
C TYR B 76 20.87 5.37 7.17
N ALA B 77 20.42 5.86 8.32
CA ALA B 77 20.15 7.29 8.53
C ALA B 77 19.16 7.82 7.49
N ILE B 78 17.99 7.16 7.42
CA ILE B 78 16.95 7.61 6.49
C ILE B 78 16.40 8.96 6.92
N GLN B 79 16.41 9.24 8.23
CA GLN B 79 15.95 10.54 8.71
C GLN B 79 16.82 11.68 8.21
N ASP B 80 18.06 11.40 7.80
CA ASP B 80 18.94 12.42 7.27
C ASP B 80 18.64 12.77 5.81
N GLY B 81 17.77 12.01 5.16
CA GLY B 81 17.45 12.25 3.76
C GLY B 81 18.40 11.55 2.81
N HIS B 82 18.18 11.78 1.53
CA HIS B 82 18.98 11.15 0.48
C HIS B 82 20.35 11.83 0.44
N VAL B 83 21.33 11.22 1.09
CA VAL B 83 22.69 11.74 1.09
C VAL B 83 23.57 10.96 0.12
N ASP B 84 23.37 9.66 0.01
CA ASP B 84 24.11 8.82 -0.93
C ASP B 84 23.17 7.78 -1.51
N ASP B 85 23.62 7.15 -2.60
CA ASP B 85 22.83 6.14 -3.28
C ASP B 85 22.71 4.84 -2.49
N GLY B 86 23.50 4.66 -1.43
CA GLY B 86 23.43 3.45 -0.65
C GLY B 86 22.16 3.30 0.15
N GLN B 87 21.41 4.40 0.35
CA GLN B 87 20.17 4.36 1.10
C GLN B 87 18.96 4.07 0.24
N ILE B 88 19.11 4.05 -1.08
CA ILE B 88 17.99 3.79 -1.98
C ILE B 88 17.50 2.35 -1.83
N PRO B 89 18.36 1.32 -1.84
CA PRO B 89 17.87 -0.03 -1.54
C PRO B 89 17.37 -0.17 -0.12
N ALA B 90 17.94 0.58 0.83
CA ALA B 90 17.46 0.52 2.20
C ALA B 90 16.08 1.14 2.34
N ALA B 91 15.83 2.25 1.64
CA ALA B 91 14.51 2.88 1.69
C ALA B 91 13.45 1.99 1.09
N ALA B 92 13.75 1.36 -0.06
CA ALA B 92 12.80 0.45 -0.68
C ALA B 92 12.53 -0.77 0.19
N ARG B 93 13.52 -1.22 0.96
CA ARG B 93 13.30 -2.33 1.88
C ARG B 93 12.40 -1.92 3.03
N ILE B 94 12.57 -0.70 3.55
CA ILE B 94 11.69 -0.22 4.61
C ILE B 94 10.27 -0.09 4.11
N MET B 95 10.09 0.46 2.90
CA MET B 95 8.76 0.60 2.34
C MET B 95 8.10 -0.75 2.13
N CYS B 96 8.88 -1.76 1.75
CA CYS B 96 8.31 -3.11 1.60
C CYS B 96 7.98 -3.71 2.95
N ASP B 97 8.80 -3.44 3.97
CA ASP B 97 8.53 -3.98 5.30
C ASP B 97 7.29 -3.34 5.92
N THR B 98 7.12 -2.02 5.75
CA THR B 98 5.95 -1.36 6.31
C THR B 98 4.67 -1.78 5.59
N ARG B 99 4.76 -2.06 4.29
CA ARG B 99 3.59 -2.54 3.56
C ARG B 99 3.25 -3.98 3.96
N GLU B 100 4.27 -4.80 4.18
CA GLU B 100 4.03 -6.16 4.64
C GLU B 100 3.46 -6.18 6.05
N LEU B 101 3.89 -5.25 6.90
CA LEU B 101 3.33 -5.15 8.24
C LEU B 101 1.88 -4.66 8.19
N SER B 102 1.59 -3.71 7.31
CA SER B 102 0.23 -3.21 7.18
C SER B 102 -0.71 -4.30 6.68
N SER B 103 -0.21 -5.22 5.86
CA SER B 103 -1.03 -6.34 5.42
C SER B 103 -1.40 -7.25 6.59
N MET B 104 -0.44 -7.49 7.50
CA MET B 104 -0.73 -8.32 8.66
C MET B 104 -1.72 -7.66 9.61
N VAL B 105 -1.68 -6.32 9.71
CA VAL B 105 -2.65 -5.62 10.54
C VAL B 105 -4.02 -5.65 9.89
N VAL B 106 -4.09 -5.37 8.59
CA VAL B 106 -5.35 -5.44 7.87
C VAL B 106 -5.89 -6.87 7.87
N GLU B 107 -4.98 -7.86 7.77
CA GLU B 107 -5.42 -9.25 7.82
C GLU B 107 -6.09 -9.59 9.14
N GLU B 108 -5.69 -8.91 10.22
CA GLU B 108 -6.36 -9.11 11.50
C GLU B 108 -7.69 -8.38 11.57
N LEU B 109 -7.80 -7.22 10.92
CA LEU B 109 -9.06 -6.49 10.92
C LEU B 109 -10.10 -7.20 10.07
N LEU B 110 -9.69 -7.77 8.94
CA LEU B 110 -10.63 -8.51 8.10
C LEU B 110 -11.17 -9.75 8.80
N ALA B 111 -10.35 -10.37 9.66
CA ALA B 111 -10.82 -11.56 10.38
C ALA B 111 -11.89 -11.21 11.39
N GLN B 112 -11.90 -9.97 11.90
CA GLN B 112 -12.90 -9.52 12.85
C GLN B 112 -14.11 -8.89 12.19
N GLY B 113 -14.25 -9.03 10.87
CA GLY B 113 -15.38 -8.45 10.18
C GLY B 113 -15.29 -6.96 9.94
N ILE B 114 -14.09 -6.38 10.01
CA ILE B 114 -13.91 -4.95 9.79
C ILE B 114 -13.21 -4.73 8.46
N PRO B 115 -13.94 -4.37 7.40
CA PRO B 115 -13.29 -4.16 6.09
C PRO B 115 -12.35 -2.97 6.13
N ALA B 116 -11.09 -3.21 5.75
CA ALA B 116 -10.07 -2.17 5.75
C ALA B 116 -9.08 -2.46 4.63
N VAL B 117 -8.34 -1.42 4.24
CA VAL B 117 -7.35 -1.52 3.18
C VAL B 117 -6.15 -0.66 3.54
N SER B 118 -4.96 -1.12 3.18
CA SER B 118 -3.74 -0.38 3.46
C SER B 118 -3.60 0.80 2.50
N VAL B 119 -3.35 1.98 3.04
CA VAL B 119 -3.13 3.18 2.25
C VAL B 119 -1.74 3.70 2.63
N ALA B 120 -0.73 3.24 1.91
CA ALA B 120 0.65 3.61 2.22
C ALA B 120 0.90 5.06 1.85
N PRO B 121 1.29 5.93 2.79
CA PRO B 121 1.53 7.33 2.44
C PRO B 121 2.69 7.52 1.48
N GLY B 122 3.74 6.71 1.59
CA GLY B 122 4.89 6.84 0.70
C GLY B 122 4.61 6.47 -0.74
N SER B 123 3.44 5.92 -1.04
CA SER B 123 3.07 5.54 -2.40
C SER B 123 1.99 6.44 -2.98
N CYS B 124 1.66 7.55 -2.32
CA CYS B 124 0.60 8.42 -2.80
C CYS B 124 0.77 9.86 -2.33
N PHE B 125 1.62 10.09 -1.33
CA PHE B 125 1.79 11.41 -0.75
C PHE B 125 3.25 11.83 -0.83
N VAL B 126 3.49 13.11 -0.54
CA VAL B 126 4.83 13.68 -0.50
C VAL B 126 4.99 14.43 0.82
N MET B 127 6.25 14.74 1.15
CA MET B 127 6.58 15.48 2.35
C MET B 127 7.39 16.71 1.99
N GLU B 128 7.47 17.64 2.95
CA GLU B 128 8.20 18.90 2.73
C GLU B 128 8.59 19.45 4.10
N ASP B 129 9.87 19.30 4.45
CA ASP B 129 10.43 19.84 5.69
C ASP B 129 9.67 19.33 6.92
N GLY B 130 9.38 18.03 6.93
CA GLY B 130 8.76 17.40 8.08
C GLY B 130 7.24 17.37 8.06
N LYS B 131 6.60 17.93 7.04
CA LYS B 131 5.15 17.98 6.97
C LYS B 131 4.66 17.07 5.84
N LEU B 132 3.71 16.20 6.16
CA LEU B 132 3.12 15.31 5.17
C LEU B 132 2.06 16.07 4.38
N ILE B 133 2.21 16.09 3.06
CA ILE B 133 1.32 16.84 2.18
C ILE B 133 0.33 15.87 1.54
N VAL B 134 -0.96 16.15 1.71
CA VAL B 134 -2.03 15.35 1.13
C VAL B 134 -2.80 16.26 0.18
N ASP B 135 -2.42 16.25 -1.09
CA ASP B 135 -3.07 17.11 -2.08
C ASP B 135 -4.36 16.50 -2.60
N ASN B 136 -4.43 15.17 -2.70
CA ASN B 136 -5.60 14.47 -3.20
C ASN B 136 -6.26 13.73 -2.03
N GLU B 137 -7.44 14.20 -1.62
CA GLU B 137 -8.18 13.59 -0.54
C GLU B 137 -9.30 12.69 -1.02
N GLU B 138 -9.49 12.57 -2.34
CA GLU B 138 -10.60 11.78 -2.86
C GLU B 138 -10.49 10.29 -2.55
N PRO B 139 -9.36 9.61 -2.79
CA PRO B 139 -9.35 8.15 -2.54
C PRO B 139 -9.58 7.77 -1.09
N ILE B 140 -8.97 8.49 -0.15
CA ILE B 140 -9.16 8.17 1.27
C ILE B 140 -10.60 8.43 1.68
N ARG B 141 -11.19 9.53 1.19
CA ARG B 141 -12.57 9.85 1.54
C ARG B 141 -13.55 8.89 0.88
N ARG B 142 -13.25 8.42 -0.34
CA ARG B 142 -14.16 7.50 -1.02
C ARG B 142 -14.11 6.12 -0.40
N LEU B 143 -12.94 5.69 0.07
CA LEU B 143 -12.83 4.38 0.70
C LEU B 143 -13.58 4.34 2.03
N ALA B 144 -13.45 5.40 2.84
CA ALA B 144 -14.14 5.44 4.12
C ALA B 144 -15.65 5.48 3.94
N ASP B 145 -16.13 6.16 2.90
CA ASP B 145 -17.57 6.19 2.64
C ASP B 145 -18.09 4.86 2.14
N LEU B 146 -17.26 4.10 1.43
CA LEU B 146 -17.68 2.79 0.93
C LEU B 146 -17.77 1.75 2.04
N GLY B 147 -17.12 1.98 3.17
CA GLY B 147 -17.06 1.01 4.23
C GLY B 147 -15.73 0.29 4.36
N ILE B 148 -14.77 0.58 3.48
CA ILE B 148 -13.44 -0.01 3.53
C ILE B 148 -12.54 1.00 4.23
N MET B 149 -12.20 0.73 5.48
CA MET B 149 -11.45 1.67 6.30
C MET B 149 -10.05 1.91 5.74
N PRO B 150 -9.71 3.12 5.34
CA PRO B 150 -8.34 3.40 4.89
C PRO B 150 -7.37 3.38 6.05
N VAL B 151 -6.26 2.67 5.89
CA VAL B 151 -5.28 2.46 6.95
C VAL B 151 -3.96 3.05 6.51
N MET B 152 -3.54 4.13 7.16
CA MET B 152 -2.24 4.74 6.95
C MET B 152 -1.27 4.27 8.03
N PHE B 153 0.02 4.52 7.79
CA PHE B 153 1.05 4.06 8.71
C PHE B 153 2.35 4.80 8.42
N GLY B 154 3.30 4.65 9.34
CA GLY B 154 4.62 5.23 9.14
C GLY B 154 5.34 4.56 7.98
N ASP B 155 6.01 5.37 7.17
CA ASP B 155 6.59 4.89 5.92
C ASP B 155 7.62 5.90 5.43
N VAL B 156 8.43 5.45 4.47
CA VAL B 156 9.32 6.35 3.75
C VAL B 156 8.51 7.08 2.69
N VAL B 157 8.48 8.41 2.76
CA VAL B 157 7.69 9.24 1.86
C VAL B 157 8.65 10.10 1.06
N PRO B 158 8.49 10.21 -0.26
CA PRO B 158 9.36 11.10 -1.04
C PRO B 158 9.23 12.55 -0.58
N ASP B 159 10.37 13.20 -0.40
CA ASP B 159 10.43 14.57 0.08
C ASP B 159 10.71 15.52 -1.08
N ARG B 160 10.02 16.66 -1.07
CA ARG B 160 10.16 17.68 -2.10
C ARG B 160 11.48 18.44 -2.03
N LYS B 161 12.42 18.04 -1.17
CA LYS B 161 13.66 18.80 -1.02
C LYS B 161 14.79 17.90 -0.54
N LYS B 162 14.47 16.85 0.22
CA LYS B 162 15.46 15.97 0.80
C LYS B 162 15.39 14.55 0.22
N GLY B 163 14.87 14.40 -0.99
CA GLY B 163 14.76 13.09 -1.60
C GLY B 163 13.65 12.25 -0.99
N PHE B 164 13.92 11.69 0.19
CA PHE B 164 12.91 10.94 0.93
C PHE B 164 12.92 11.38 2.38
N ALA B 165 11.80 11.17 3.06
CA ALA B 165 11.66 11.53 4.46
C ALA B 165 10.86 10.44 5.16
N ALA B 166 10.81 10.53 6.49
CA ALA B 166 10.15 9.55 7.33
C ALA B 166 8.89 10.17 7.93
N VAL B 167 7.74 9.61 7.60
CA VAL B 167 6.49 10.01 8.22
C VAL B 167 6.21 9.08 9.40
N SER B 168 5.59 9.63 10.43
CA SER B 168 5.31 8.89 11.66
C SER B 168 3.83 8.57 11.75
N GLY B 169 3.52 7.52 12.52
CA GLY B 169 2.13 7.20 12.79
C GLY B 169 1.42 8.32 13.51
N ASP B 170 2.12 8.99 14.43
CA ASP B 170 1.54 10.15 15.11
C ASP B 170 1.21 11.25 14.12
N GLN B 171 2.07 11.46 13.12
CA GLN B 171 1.81 12.48 12.12
C GLN B 171 0.67 12.08 11.19
N CYS B 172 0.55 10.78 10.89
CA CYS B 172 -0.55 10.31 10.05
C CYS B 172 -1.90 10.60 10.70
N MET B 173 -1.95 10.62 12.05
CA MET B 173 -3.21 10.92 12.72
C MET B 173 -3.56 12.39 12.61
N GLU B 174 -2.55 13.27 12.65
CA GLU B 174 -2.83 14.70 12.55
C GLU B 174 -3.47 15.04 11.21
N VAL B 175 -3.14 14.31 10.16
CA VAL B 175 -3.75 14.56 8.86
C VAL B 175 -5.19 14.07 8.84
N LEU B 176 -5.43 12.85 9.33
CA LEU B 176 -6.77 12.28 9.31
C LEU B 176 -7.69 12.97 10.32
N CYS B 177 -7.14 13.52 11.40
CA CYS B 177 -7.96 14.25 12.36
C CYS B 177 -8.52 15.52 11.75
N ARG B 178 -7.68 16.27 11.03
CA ARG B 178 -8.14 17.47 10.35
C ARG B 178 -8.94 17.18 9.09
N MET B 179 -8.92 15.93 8.61
CA MET B 179 -9.65 15.55 7.41
C MET B 179 -11.09 15.16 7.69
N PHE B 180 -11.33 14.39 8.76
CA PHE B 180 -12.66 13.90 9.08
C PHE B 180 -13.25 14.50 10.33
N ASP B 181 -12.45 15.19 11.15
CA ASP B 181 -12.89 15.77 12.42
C ASP B 181 -13.56 14.72 13.28
N PRO B 182 -12.80 13.77 13.84
CA PRO B 182 -13.42 12.68 14.59
C PRO B 182 -13.95 13.15 15.94
N GLU B 183 -14.72 12.27 16.57
CA GLU B 183 -15.30 12.55 17.88
C GLU B 183 -14.35 12.22 19.02
N LYS B 184 -13.49 11.21 18.84
CA LYS B 184 -12.54 10.80 19.85
C LYS B 184 -11.24 10.37 19.18
N VAL B 185 -10.14 10.49 19.92
CA VAL B 185 -8.81 10.11 19.44
C VAL B 185 -8.13 9.28 20.53
N VAL B 186 -7.66 8.10 20.15
CA VAL B 186 -7.03 7.17 21.08
C VAL B 186 -5.65 6.81 20.55
N PHE B 187 -4.65 6.85 21.44
CA PHE B 187 -3.28 6.45 21.12
C PHE B 187 -2.96 5.20 21.92
N VAL B 188 -2.78 4.08 21.24
CA VAL B 188 -2.48 2.79 21.86
C VAL B 188 -0.97 2.59 21.84
N SER B 189 -0.38 2.40 23.01
CA SER B 189 1.06 2.20 23.13
C SER B 189 1.30 1.14 24.22
N ASP B 190 2.57 0.91 24.54
CA ASP B 190 2.96 -0.06 25.56
C ASP B 190 3.14 0.57 26.93
N ILE B 191 2.44 1.67 27.21
CA ILE B 191 2.56 2.38 28.48
C ILE B 191 1.17 2.76 28.96
N ASP B 192 1.00 2.81 30.28
CA ASP B 192 -0.28 3.16 30.86
C ASP B 192 -0.69 4.59 30.54
N GLY B 193 0.26 5.46 30.24
CA GLY B 193 -0.04 6.84 29.91
C GLY B 193 1.22 7.66 29.81
N LEU B 194 1.03 8.97 29.76
CA LEU B 194 2.15 9.90 29.68
C LEU B 194 2.69 10.16 31.08
N TYR B 195 3.97 9.88 31.27
CA TYR B 195 4.63 10.08 32.56
C TYR B 195 5.50 11.33 32.53
N THR B 196 5.96 11.74 33.71
CA THR B 196 6.86 12.88 33.81
C THR B 196 8.24 12.56 33.23
N ALA B 197 8.59 11.28 33.11
CA ALA B 197 9.85 10.86 32.52
C ALA B 197 9.64 9.48 31.91
N ASP B 198 10.73 8.84 31.52
CA ASP B 198 10.65 7.50 30.95
C ASP B 198 10.31 6.51 32.05
N PRO B 199 9.20 5.76 31.93
CA PRO B 199 8.86 4.80 33.01
C PRO B 199 9.78 3.60 33.03
N LYS B 200 10.38 3.23 31.91
CA LYS B 200 11.33 2.12 31.88
C LYS B 200 12.69 2.51 32.46
N THR B 201 13.00 3.80 32.50
CA THR B 201 14.25 4.29 33.05
C THR B 201 14.06 4.90 34.45
N ASP B 202 13.12 5.84 34.57
CA ASP B 202 12.87 6.52 35.84
C ASP B 202 11.80 5.77 36.60
N LYS B 203 12.20 4.97 37.59
CA LYS B 203 11.26 4.30 38.47
C LYS B 203 10.57 5.26 39.44
N LYS B 204 10.95 6.54 39.42
CA LYS B 204 10.38 7.55 40.30
C LYS B 204 9.38 8.45 39.61
N ALA B 205 9.28 8.38 38.28
CA ALA B 205 8.38 9.26 37.54
C ALA B 205 6.92 8.93 37.87
N ARG B 206 6.07 9.95 37.76
CA ARG B 206 4.66 9.84 38.06
C ARG B 206 3.84 9.95 36.78
N LEU B 207 2.59 9.48 36.87
CA LEU B 207 1.68 9.48 35.73
C LEU B 207 0.92 10.80 35.67
N ILE B 208 0.74 11.30 34.45
CA ILE B 208 -0.01 12.53 34.19
C ILE B 208 -1.41 12.09 33.77
N GLY B 209 -2.38 12.24 34.68
CA GLY B 209 -3.73 11.78 34.38
C GLY B 209 -4.41 12.63 33.33
N GLU B 210 -4.45 13.94 33.55
CA GLU B 210 -5.11 14.88 32.64
C GLU B 210 -4.09 15.86 32.08
N VAL B 211 -4.21 16.14 30.79
CA VAL B 211 -3.34 17.09 30.10
C VAL B 211 -4.20 18.27 29.68
N THR B 212 -4.02 19.41 30.36
CA THR B 212 -4.80 20.60 30.04
C THR B 212 -3.88 21.80 29.81
N ARG B 213 -3.35 22.39 30.88
CA ARG B 213 -2.54 23.59 30.80
C ARG B 213 -1.19 23.35 31.46
N LYS B 214 -0.13 23.77 30.79
CA LYS B 214 1.24 23.59 31.28
C LYS B 214 1.50 24.46 32.50
N GLY B 231 11.38 15.00 26.91
CA GLY B 231 10.59 16.04 26.30
C GLY B 231 9.11 15.91 26.61
N VAL B 232 8.77 15.92 27.91
CA VAL B 232 7.37 15.79 28.31
C VAL B 232 6.56 17.03 27.93
N HIS B 233 7.22 18.17 27.71
CA HIS B 233 6.49 19.37 27.31
C HIS B 233 5.95 19.25 25.89
N SER B 234 6.75 18.69 24.97
CA SER B 234 6.29 18.52 23.60
C SER B 234 5.27 17.39 23.49
N LYS B 235 5.35 16.40 24.38
CA LYS B 235 4.38 15.30 24.35
C LYS B 235 3.02 15.76 24.85
N MET B 236 3.00 16.59 25.90
CA MET B 236 1.74 17.16 26.37
C MET B 236 1.12 18.09 25.33
N GLU B 237 1.96 18.86 24.63
CA GLU B 237 1.46 19.79 23.63
C GLU B 237 0.94 19.07 22.39
N ALA B 238 1.50 17.89 22.09
CA ALA B 238 1.08 17.16 20.89
C ALA B 238 -0.31 16.56 21.04
N MET B 239 -0.73 16.23 22.26
CA MET B 239 -2.04 15.64 22.46
C MET B 239 -3.15 16.67 22.36
N LEU B 240 -2.90 17.90 22.84
CA LEU B 240 -3.92 18.94 22.81
C LEU B 240 -4.13 19.50 21.42
N ARG B 241 -3.20 19.27 20.49
CA ARG B 241 -3.37 19.73 19.12
C ARG B 241 -4.52 19.03 18.42
N MET B 242 -4.88 17.82 18.86
CA MET B 242 -5.97 17.06 18.27
C MET B 242 -7.22 17.05 19.15
N THR B 243 -7.35 18.02 20.06
CA THR B 243 -8.51 18.13 20.92
C THR B 243 -9.15 19.50 20.77
N ASP B 244 -10.42 19.59 21.14
CA ASP B 244 -11.14 20.85 21.17
C ASP B 244 -12.05 20.92 22.38
N ARG B 245 -13.23 21.51 22.22
CA ARG B 245 -14.17 21.59 23.33
C ARG B 245 -14.83 20.24 23.62
N ASN B 246 -14.97 19.39 22.60
CA ASN B 246 -15.63 18.10 22.76
C ASN B 246 -14.69 16.92 22.57
N ARG B 247 -13.97 16.86 21.44
CA ARG B 247 -13.11 15.73 21.17
C ARG B 247 -11.92 15.71 22.12
N ARG B 248 -11.61 14.53 22.67
CA ARG B 248 -10.51 14.34 23.60
C ARG B 248 -9.51 13.34 23.02
N CYS B 249 -8.27 13.42 23.50
CA CYS B 249 -7.20 12.54 23.09
C CYS B 249 -6.80 11.65 24.26
N TYR B 250 -6.68 10.35 24.00
CA TYR B 250 -6.35 9.37 25.03
C TYR B 250 -5.06 8.64 24.66
N LEU B 251 -4.29 8.30 25.69
CA LEU B 251 -3.08 7.49 25.55
C LEU B 251 -3.25 6.27 26.44
N VAL B 252 -3.71 5.16 25.87
CA VAL B 252 -4.05 3.97 26.61
C VAL B 252 -3.02 2.88 26.33
N ASN B 253 -2.90 1.95 27.27
CA ASN B 253 -1.96 0.84 27.17
C ASN B 253 -2.59 -0.30 26.37
N GLY B 254 -1.93 -0.69 25.28
CA GLY B 254 -2.41 -1.81 24.47
C GLY B 254 -2.03 -3.17 25.00
N ASN B 255 -0.98 -3.25 25.81
CA ASN B 255 -0.57 -4.53 26.40
C ASN B 255 -1.48 -4.96 27.54
N ALA B 256 -2.41 -4.11 27.98
CA ALA B 256 -3.36 -4.47 29.01
C ALA B 256 -4.64 -4.95 28.37
N PRO B 257 -5.05 -6.21 28.56
CA PRO B 257 -6.26 -6.70 27.90
C PRO B 257 -7.50 -5.97 28.38
N ASN B 258 -8.45 -5.83 27.46
CA ASN B 258 -9.77 -5.21 27.66
C ASN B 258 -9.69 -3.72 27.95
N ARG B 259 -8.49 -3.13 28.01
CA ARG B 259 -8.38 -1.70 28.31
C ARG B 259 -8.83 -0.85 27.13
N LEU B 260 -8.45 -1.23 25.91
CA LEU B 260 -8.87 -0.49 24.74
C LEU B 260 -10.38 -0.67 24.49
N TYR B 261 -10.90 -1.86 24.76
CA TYR B 261 -12.33 -2.11 24.58
C TYR B 261 -13.16 -1.32 25.58
N SER B 262 -12.65 -1.15 26.81
CA SER B 262 -13.42 -0.45 27.84
C SER B 262 -13.52 1.04 27.54
N LEU B 263 -12.43 1.64 27.05
CA LEU B 263 -12.44 3.06 26.73
C LEU B 263 -13.40 3.37 25.60
N LEU B 264 -13.39 2.55 24.55
CA LEU B 264 -14.21 2.84 23.37
C LEU B 264 -15.70 2.80 23.69
N LYS B 265 -16.10 2.04 24.70
CA LYS B 265 -17.50 2.00 25.11
C LYS B 265 -17.87 3.17 26.02
N GLY B 266 -16.90 3.85 26.59
CA GLY B 266 -17.15 4.99 27.48
C GLY B 266 -16.67 4.79 28.90
N GLU B 267 -16.17 3.62 29.26
CA GLU B 267 -15.70 3.39 30.63
C GLU B 267 -14.35 4.06 30.86
N THR B 268 -14.10 4.43 32.12
CA THR B 268 -12.86 5.09 32.49
C THR B 268 -11.84 4.06 32.93
N VAL B 269 -10.65 4.11 32.32
CA VAL B 269 -9.56 3.19 32.58
C VAL B 269 -8.29 3.99 32.87
N THR B 270 -7.22 3.26 33.19
CA THR B 270 -5.92 3.88 33.39
C THR B 270 -5.42 4.41 32.06
N CYS B 271 -5.36 5.74 31.93
CA CYS B 271 -4.97 6.37 30.67
C CYS B 271 -4.57 7.81 30.95
N THR B 272 -4.22 8.52 29.89
CA THR B 272 -3.91 9.95 29.93
C THR B 272 -4.83 10.65 28.95
N VAL B 273 -5.69 11.53 29.47
CA VAL B 273 -6.69 12.22 28.67
C VAL B 273 -6.24 13.65 28.44
N ALA B 274 -6.49 14.16 27.24
CA ALA B 274 -6.23 15.55 26.88
C ALA B 274 -7.56 16.21 26.52
N LYS B 275 -7.89 17.29 27.23
CA LYS B 275 -9.16 17.97 27.04
C LYS B 275 -8.95 19.47 27.04
N GLY B 276 -9.96 20.19 26.54
CA GLY B 276 -9.92 21.64 26.54
C GLY B 276 -9.57 22.24 25.19
N GLY B 277 -8.67 21.61 24.46
CA GLY B 277 -8.23 22.14 23.19
C GLY B 277 -7.35 23.37 23.36
N MET B 278 -7.10 24.02 22.24
CA MET B 278 -6.27 25.23 22.21
C MET B 278 -6.93 26.33 21.40
PB ADP C . -2.56 -11.87 -18.08
O1B ADP C . -3.23 -12.72 -17.02
O2B ADP C . -1.12 -12.25 -18.31
O3B ADP C . -2.82 -10.39 -17.98
PA ADP C . -4.40 -13.46 -19.47
O1A ADP C . -3.82 -14.70 -18.83
O2A ADP C . -5.72 -12.92 -18.95
O3A ADP C . -3.27 -12.31 -19.46
O5' ADP C . -4.56 -13.78 -21.04
C5' ADP C . -3.86 -14.89 -21.59
C4' ADP C . -4.81 -16.06 -21.80
O4' ADP C . -5.80 -15.73 -22.77
C3' ADP C . -4.08 -17.29 -22.32
O3' ADP C . -3.90 -18.23 -21.25
C2' ADP C . -4.96 -17.85 -23.40
O2' ADP C . -5.41 -19.16 -23.03
C1' ADP C . -6.14 -16.89 -23.52
N9 ADP C . -6.42 -16.53 -24.94
C8 ADP C . -7.66 -16.34 -25.43
N7 ADP C . -7.62 -16.02 -26.75
C5 ADP C . -6.33 -16.00 -27.13
C6 ADP C . -5.58 -15.74 -28.38
N6 ADP C . -6.25 -15.41 -29.52
N1 ADP C . -4.24 -15.82 -28.35
C2 ADP C . -3.58 -16.14 -27.23
N3 ADP C . -4.19 -16.39 -26.05
C4 ADP C . -5.54 -16.35 -25.93
C02 Y7D D . -8.52 -7.88 -10.70
C09 Y7D D . -6.61 -7.35 -12.21
O14 Y7D D . -5.94 -8.05 -15.94
C01 Y7D D . -8.16 -6.70 -9.86
C03 Y7D D . -9.70 -8.74 -10.33
C04 Y7D D . -11.00 -8.02 -10.67
C05 Y7D D . -11.33 -8.09 -12.15
C06 Y7D D . -12.80 -7.84 -12.39
C08 Y7D D . -7.80 -8.18 -11.80
O10 Y7D D . -6.58 -7.26 -13.63
O12 Y7D D . -4.15 -7.32 -14.40
O13 Y7D D . -5.29 -9.56 -14.01
O36 Y7D D . -3.03 -10.12 -15.02
O39 Y7D D . -5.09 -10.68 -16.26
O40 Y7D D . -4.49 -11.96 -14.25
P11 Y7D D . -5.48 -8.03 -14.51
P32 Y7D D . -4.45 -10.60 -14.90
PB ADP E . 4.52 4.45 19.64
O1B ADP E . 3.07 4.41 20.07
O2B ADP E . 4.81 5.38 18.49
O3B ADP E . 5.12 3.07 19.48
PA ADP E . 6.84 4.86 21.21
O1A ADP E . 7.10 3.37 21.26
O2A ADP E . 7.67 5.71 20.28
O3A ADP E . 5.28 5.12 20.88
O5' ADP E . 6.99 5.41 22.70
C5' ADP E . 6.80 4.52 23.80
C4' ADP E . 8.03 4.51 24.70
O4' ADP E . 8.49 5.82 25.01
C3' ADP E . 7.74 3.81 26.03
O3' ADP E . 8.29 2.50 26.02
C2' ADP E . 8.42 4.67 27.07
O2' ADP E . 9.40 3.91 27.76
C1' ADP E . 9.07 5.81 26.32
N9 ADP E . 8.89 7.13 26.98
C8 ADP E . 9.80 8.13 26.91
N7 ADP E . 9.41 9.22 27.60
C5 ADP E . 8.21 8.94 28.14
C6 ADP E . 7.23 9.66 29.00
N6 ADP E . 7.47 10.94 29.41
N1 ADP E . 6.10 9.03 29.33
C2 ADP E . 5.85 7.77 28.93
N3 ADP E . 6.69 7.05 28.16
C4 ADP E . 7.87 7.56 27.74
C1 GOL F . -18.04 6.28 7.66
O1 GOL F . -17.11 6.12 8.70
C2 GOL F . -17.55 7.45 6.79
O2 GOL F . -18.47 7.80 5.82
C3 GOL F . -17.29 8.61 7.79
O3 GOL F . -16.69 9.64 7.07
C01 WOG G . 8.37 4.50 10.03
C02 WOG G . 9.37 5.14 10.96
C03 WOG G . 10.86 4.95 10.76
C04 WOG G . 11.14 4.27 9.42
C05 WOG G . 11.59 5.27 8.37
C06 WOG G . 10.44 5.69 7.48
C08 WOG G . 8.93 5.90 11.98
C09 WOG G . 7.46 6.12 12.20
O10 WOG G . 6.90 4.96 12.81
O12 WOG G . 4.89 5.71 14.16
O13 WOG G . 7.15 5.91 15.15
O14 WOG G . 6.12 3.67 14.85
P11 WOG G . 6.25 5.06 14.27
#